data_4Z7X
#
_entry.id   4Z7X
#
_cell.length_a   46.880
_cell.length_b   66.860
_cell.length_c   256.169
_cell.angle_alpha   90.000
_cell.angle_beta   90.000
_cell.angle_gamma   90.000
#
_symmetry.space_group_name_H-M   'C 2 2 21'
#
loop_
_entity.id
_entity.type
_entity.pdbx_description
1 polymer MdbA
2 non-polymer '(2S)-3-(cyclohexylamino)-2-hydroxypropane-1-sulfonic acid'
3 water water
#
_entity_poly.entity_id   1
_entity_poly.type   'polypeptide(L)'
_entity_poly.pdbx_seq_one_letter_code
;SNADAKKNPKSSKFPAPSEGLATAKANQGGIPKQVLSDASWTYGEGAALDTVAASAPVLDIYFDYSCSHCAQFEGLHTQE
INQLLSDKKITLALHPCKLLQQEWTSVV(MSE)NA(MSE)GVVLDEAPAQSLSFHNAAFEIFSQAIQTKNQSN(MSE)TV
EGLVAAAAKVNVPKEVSAKFKAAVDSDKYGKWVKLGDEAFKARELEGTPTVFFKGEKVDLNKLQTPTSLTELVTGSTPTA
QPSPQPTQQG
;
_entity_poly.pdbx_strand_id   A,B
#
loop_
_chem_comp.id
_chem_comp.type
_chem_comp.name
_chem_comp.formula
3CX non-polymer '(2S)-3-(cyclohexylamino)-2-hydroxypropane-1-sulfonic acid' 'C9 H19 N O4 S'
#
# COMPACT_ATOMS: atom_id res chain seq x y z
N PHE A 14 6.45 -10.66 -14.63
CA PHE A 14 5.96 -11.89 -13.90
C PHE A 14 5.77 -13.07 -14.85
N PRO A 15 6.35 -14.22 -14.52
CA PRO A 15 6.25 -15.35 -15.45
C PRO A 15 4.82 -15.78 -15.69
N ALA A 16 4.56 -16.24 -16.90
CA ALA A 16 3.26 -16.74 -17.26
C ALA A 16 2.85 -17.92 -16.39
N PRO A 17 1.53 -18.05 -16.13
CA PRO A 17 1.11 -19.23 -15.36
C PRO A 17 1.65 -20.57 -15.88
N SER A 18 1.83 -20.70 -17.19
CA SER A 18 2.38 -21.90 -17.75
C SER A 18 3.76 -22.28 -17.27
N GLU A 19 4.48 -21.31 -16.72
CA GLU A 19 5.81 -21.52 -16.16
C GLU A 19 5.78 -22.04 -14.73
N GLY A 20 4.62 -22.06 -14.06
CA GLY A 20 4.59 -22.63 -12.71
C GLY A 20 5.31 -21.74 -11.71
N LEU A 21 6.09 -22.40 -10.85
CA LEU A 21 6.77 -21.75 -9.75
C LEU A 21 8.06 -21.34 -10.38
N ALA A 22 8.16 -20.07 -10.67
CA ALA A 22 9.16 -19.60 -11.56
C ALA A 22 9.75 -18.26 -11.10
N THR A 23 9.58 -17.97 -9.79
CA THR A 23 10.19 -16.78 -9.24
C THR A 23 10.97 -17.16 -7.98
N ALA A 24 11.98 -16.31 -7.67
CA ALA A 24 12.78 -16.27 -6.45
C ALA A 24 12.12 -15.44 -5.34
N LYS A 25 12.70 -15.41 -4.14
CA LYS A 25 12.11 -14.67 -3.02
CA LYS A 25 12.12 -14.67 -3.01
C LYS A 25 12.08 -13.18 -3.31
N ALA A 26 11.03 -12.54 -2.83
CA ALA A 26 10.91 -11.07 -2.98
C ALA A 26 12.01 -10.34 -2.24
N ASN A 27 12.33 -10.79 -1.02
CA ASN A 27 13.41 -10.17 -0.23
C ASN A 27 13.29 -8.63 -0.14
N GLN A 28 12.12 -8.20 0.34
CA GLN A 28 11.83 -6.80 0.47
C GLN A 28 11.16 -6.50 1.79
N GLY A 29 11.40 -5.30 2.29
CA GLY A 29 10.65 -4.79 3.45
C GLY A 29 9.17 -4.76 3.10
N GLY A 30 8.32 -5.09 4.07
CA GLY A 30 6.89 -5.08 3.82
C GLY A 30 6.30 -6.28 3.13
N ILE A 31 7.13 -7.26 2.85
CA ILE A 31 6.69 -8.47 2.24
C ILE A 31 7.22 -9.63 3.07
N PRO A 32 6.37 -10.66 3.34
CA PRO A 32 6.89 -11.75 4.20
C PRO A 32 8.18 -12.37 3.64
N LYS A 33 9.06 -12.79 4.54
CA LYS A 33 10.38 -13.27 4.16
C LYS A 33 10.36 -14.46 3.21
N GLN A 34 9.40 -15.35 3.35
CA GLN A 34 9.36 -16.54 2.53
CA GLN A 34 9.38 -16.54 2.50
C GLN A 34 8.48 -16.37 1.27
N VAL A 35 7.92 -15.18 1.05
CA VAL A 35 7.11 -14.90 -0.12
C VAL A 35 7.99 -14.67 -1.34
N LEU A 36 7.49 -15.13 -2.46
CA LEU A 36 8.17 -15.06 -3.74
C LEU A 36 7.92 -13.72 -4.43
N SER A 37 8.62 -13.50 -5.54
CA SER A 37 8.60 -12.22 -6.23
CA SER A 37 8.59 -12.20 -6.20
C SER A 37 7.25 -11.89 -6.84
N ASP A 38 6.37 -12.91 -6.94
CA ASP A 38 4.99 -12.70 -7.44
C ASP A 38 3.95 -12.68 -6.35
N ALA A 39 4.39 -12.52 -5.11
CA ALA A 39 3.53 -12.48 -3.92
C ALA A 39 3.06 -13.84 -3.40
N SER A 40 3.44 -14.93 -4.07
CA SER A 40 2.95 -16.24 -3.68
C SER A 40 3.82 -16.82 -2.56
N TRP A 41 3.31 -17.86 -1.91
CA TRP A 41 4.10 -18.69 -1.03
C TRP A 41 3.78 -20.13 -1.28
N THR A 42 4.68 -21.03 -0.90
CA THR A 42 4.58 -22.40 -1.34
C THR A 42 4.85 -23.42 -0.26
N TYR A 43 4.31 -24.62 -0.51
CA TYR A 43 4.48 -25.80 0.33
C TYR A 43 4.89 -26.98 -0.55
N GLY A 44 5.98 -27.64 -0.16
CA GLY A 44 6.42 -28.87 -0.81
C GLY A 44 7.35 -28.79 -2.03
N GLU A 45 7.88 -27.60 -2.32
CA GLU A 45 8.72 -27.41 -3.49
C GLU A 45 10.14 -27.93 -3.41
N GLY A 46 10.59 -28.29 -2.21
CA GLY A 46 12.04 -28.49 -2.00
C GLY A 46 12.48 -29.93 -1.76
N ALA A 47 11.69 -30.88 -2.23
CA ALA A 47 12.06 -32.31 -2.17
C ALA A 47 13.40 -32.62 -2.87
N ALA A 48 14.14 -33.60 -2.33
CA ALA A 48 15.37 -34.08 -3.00
C ALA A 48 15.05 -34.76 -4.35
N LEU A 49 15.87 -34.53 -5.39
CA LEU A 49 15.54 -34.98 -6.76
C LEU A 49 15.53 -36.49 -6.98
N ASP A 50 16.16 -37.20 -6.05
CA ASP A 50 16.16 -38.65 -6.10
CA ASP A 50 16.19 -38.65 -6.02
C ASP A 50 14.95 -39.25 -5.35
N THR A 51 13.96 -38.41 -5.01
CA THR A 51 12.73 -38.89 -4.32
C THR A 51 11.48 -38.73 -5.18
N VAL A 52 10.50 -39.60 -4.92
CA VAL A 52 9.19 -39.55 -5.58
C VAL A 52 8.56 -38.19 -5.29
N ALA A 53 8.79 -37.68 -4.07
CA ALA A 53 8.32 -36.34 -3.70
C ALA A 53 8.78 -35.22 -4.67
N ALA A 54 9.92 -35.39 -5.34
CA ALA A 54 10.43 -34.37 -6.25
C ALA A 54 9.58 -34.22 -7.50
N SER A 55 8.83 -35.29 -7.84
CA SER A 55 7.87 -35.27 -8.94
C SER A 55 6.63 -34.45 -8.64
N ALA A 56 6.51 -33.86 -7.43
CA ALA A 56 5.29 -33.10 -7.08
C ALA A 56 4.99 -31.88 -7.94
N PRO A 57 4.00 -32.02 -8.82
CA PRO A 57 3.73 -30.91 -9.71
C PRO A 57 3.04 -29.77 -8.98
N VAL A 58 3.15 -28.60 -9.55
CA VAL A 58 2.64 -27.38 -8.96
C VAL A 58 1.14 -27.22 -9.13
N LEU A 59 0.45 -27.00 -8.00
CA LEU A 59 -0.96 -26.58 -7.99
C LEU A 59 -1.00 -25.12 -7.50
N ASP A 60 -1.34 -24.22 -8.42
CA ASP A 60 -1.37 -22.78 -8.13
C ASP A 60 -2.82 -22.42 -7.84
N ILE A 61 -3.07 -21.73 -6.74
CA ILE A 61 -4.37 -21.21 -6.40
C ILE A 61 -4.27 -19.68 -6.20
N TYR A 62 -4.97 -18.96 -7.08
CA TYR A 62 -5.14 -17.51 -7.00
C TYR A 62 -6.44 -17.25 -6.27
N PHE A 63 -6.36 -16.47 -5.19
CA PHE A 63 -7.50 -16.29 -4.30
C PHE A 63 -7.52 -14.89 -3.70
N ASP A 64 -8.70 -14.51 -3.21
CA ASP A 64 -8.93 -13.29 -2.40
C ASP A 64 -9.66 -13.74 -1.13
N TYR A 65 -9.12 -13.38 0.02
CA TYR A 65 -9.76 -13.65 1.30
C TYR A 65 -11.19 -13.15 1.44
N SER A 66 -11.56 -12.15 0.63
CA SER A 66 -12.91 -11.59 0.66
C SER A 66 -13.83 -12.11 -0.46
N CYS A 67 -13.41 -13.18 -1.12
CA CYS A 67 -14.17 -13.79 -2.24
C CYS A 67 -14.96 -15.01 -1.73
N SER A 68 -16.27 -14.96 -1.89
CA SER A 68 -17.10 -16.08 -1.41
C SER A 68 -16.86 -17.37 -2.14
N HIS A 69 -16.52 -17.30 -3.44
CA HIS A 69 -16.20 -18.49 -4.17
C HIS A 69 -14.89 -19.13 -3.68
N CYS A 70 -13.92 -18.30 -3.35
CA CYS A 70 -12.67 -18.76 -2.72
C CYS A 70 -12.93 -19.39 -1.34
N ALA A 71 -13.84 -18.81 -0.57
CA ALA A 71 -14.17 -19.39 0.75
C ALA A 71 -14.78 -20.76 0.57
N GLN A 72 -15.68 -20.91 -0.40
CA GLN A 72 -16.35 -22.19 -0.66
CA GLN A 72 -16.35 -22.17 -0.67
C GLN A 72 -15.29 -23.20 -1.13
N PHE A 73 -14.37 -22.73 -2.00
CA PHE A 73 -13.33 -23.58 -2.54
C PHE A 73 -12.46 -24.11 -1.44
N GLU A 74 -12.03 -23.24 -0.55
CA GLU A 74 -11.20 -23.63 0.57
C GLU A 74 -11.94 -24.66 1.45
N GLY A 75 -13.20 -24.38 1.76
CA GLY A 75 -13.95 -25.33 2.57
C GLY A 75 -14.05 -26.73 1.92
N LEU A 76 -14.31 -26.78 0.64
CA LEU A 76 -14.49 -28.04 -0.04
C LEU A 76 -13.18 -28.83 -0.15
N HIS A 77 -12.10 -28.13 -0.45
CA HIS A 77 -10.85 -28.79 -0.85
C HIS A 77 -9.75 -28.82 0.19
N THR A 78 -9.95 -28.17 1.35
CA THR A 78 -8.85 -28.13 2.33
C THR A 78 -8.35 -29.50 2.75
N GLN A 79 -9.26 -30.42 2.99
CA GLN A 79 -8.86 -31.74 3.47
C GLN A 79 -7.98 -32.43 2.42
N GLU A 80 -8.41 -32.40 1.16
CA GLU A 80 -7.63 -33.13 0.12
C GLU A 80 -6.34 -32.39 -0.25
N ILE A 81 -6.34 -31.05 -0.18
CA ILE A 81 -5.10 -30.33 -0.42
C ILE A 81 -4.07 -30.70 0.65
N ASN A 82 -4.49 -30.68 1.92
CA ASN A 82 -3.60 -31.11 3.01
CA ASN A 82 -3.61 -31.09 3.00
C ASN A 82 -3.13 -32.55 2.81
N GLN A 83 -4.04 -33.43 2.32
CA GLN A 83 -3.68 -34.82 2.08
C GLN A 83 -2.68 -34.95 0.97
N LEU A 84 -2.94 -34.27 -0.15
CA LEU A 84 -1.98 -34.29 -1.26
C LEU A 84 -0.62 -33.81 -0.82
N LEU A 85 -0.56 -32.81 0.03
CA LEU A 85 0.76 -32.40 0.57
C LEU A 85 1.40 -33.47 1.47
N SER A 86 0.60 -34.08 2.34
CA SER A 86 1.12 -35.12 3.20
CA SER A 86 1.12 -35.14 3.22
C SER A 86 1.66 -36.31 2.40
N ASP A 87 0.97 -36.62 1.31
CA ASP A 87 1.36 -37.72 0.41
C ASP A 87 2.45 -37.31 -0.60
N LYS A 88 2.90 -36.06 -0.54
CA LYS A 88 3.99 -35.56 -1.40
CA LYS A 88 3.98 -35.52 -1.39
C LYS A 88 3.63 -35.62 -2.88
N LYS A 89 2.35 -35.35 -3.19
CA LYS A 89 1.85 -35.42 -4.56
CA LYS A 89 1.83 -35.44 -4.55
C LYS A 89 1.70 -34.09 -5.26
N ILE A 90 1.69 -32.99 -4.50
CA ILE A 90 1.69 -31.65 -5.11
C ILE A 90 2.70 -30.73 -4.41
N THR A 91 3.08 -29.70 -5.13
CA THR A 91 3.66 -28.49 -4.55
C THR A 91 2.53 -27.45 -4.61
N LEU A 92 2.12 -26.94 -3.47
CA LEU A 92 1.03 -25.97 -3.38
C LEU A 92 1.60 -24.57 -3.43
N ALA A 93 1.07 -23.75 -4.33
CA ALA A 93 1.45 -22.35 -4.39
C ALA A 93 0.21 -21.47 -4.24
N LEU A 94 0.21 -20.63 -3.21
CA LEU A 94 -0.92 -19.77 -2.88
C LEU A 94 -0.60 -18.36 -3.31
N HIS A 95 -1.50 -17.80 -4.13
CA HIS A 95 -1.29 -16.47 -4.75
C HIS A 95 -2.40 -15.52 -4.30
N PRO A 96 -2.09 -14.59 -3.37
CA PRO A 96 -3.11 -13.70 -2.83
C PRO A 96 -3.33 -12.50 -3.73
N CYS A 97 -4.55 -12.01 -3.76
CA CYS A 97 -4.84 -10.71 -4.32
C CYS A 97 -6.00 -10.01 -3.62
N LYS A 98 -6.27 -8.78 -4.04
CA LYS A 98 -7.33 -7.98 -3.48
C LYS A 98 -8.29 -7.56 -4.60
N LEU A 99 -8.67 -8.52 -5.43
CA LEU A 99 -9.51 -8.23 -6.59
C LEU A 99 -10.81 -7.51 -6.21
N LEU A 100 -11.42 -7.91 -5.09
CA LEU A 100 -12.72 -7.38 -4.72
C LEU A 100 -12.64 -6.06 -3.95
N GLN A 101 -11.44 -5.56 -3.73
CA GLN A 101 -11.22 -4.21 -3.19
C GLN A 101 -11.76 -4.02 -1.78
N GLN A 102 -11.84 -5.10 -1.02
CA GLN A 102 -12.37 -5.07 0.35
C GLN A 102 -11.24 -4.94 1.37
N GLU A 103 -11.39 -4.02 2.32
CA GLU A 103 -10.34 -3.83 3.30
CA GLU A 103 -10.38 -3.79 3.36
C GLU A 103 -10.12 -5.07 4.18
N TRP A 104 -11.14 -5.90 4.37
CA TRP A 104 -10.96 -7.20 5.07
C TRP A 104 -9.75 -7.98 4.51
N THR A 105 -9.56 -7.95 3.19
CA THR A 105 -8.42 -8.61 2.59
C THR A 105 -7.10 -8.08 3.13
N SER A 106 -6.97 -6.75 3.28
CA SER A 106 -5.76 -6.20 3.86
C SER A 106 -5.60 -6.60 5.32
N VAL A 107 -6.71 -6.62 6.07
CA VAL A 107 -6.64 -7.02 7.47
C VAL A 107 -6.09 -8.46 7.57
N VAL A 108 -6.70 -9.36 6.82
CA VAL A 108 -6.25 -10.75 6.84
C VAL A 108 -4.81 -10.87 6.34
N MSE A 109 -4.47 -10.17 5.23
CA MSE A 109 -3.09 -10.29 4.72
C MSE A 109 -2.05 -9.77 5.72
O MSE A 109 -0.96 -10.31 5.82
CB MSE A 109 -2.94 -9.69 3.32
CG MSE A 109 -3.64 -10.59 2.33
SE MSE A 109 -3.45 -9.99 0.48
CE MSE A 109 -1.53 -10.22 0.33
N ASN A 110 -2.37 -8.72 6.46
CA ASN A 110 -1.44 -8.26 7.46
C ASN A 110 -1.23 -9.28 8.59
N ALA A 111 -2.31 -9.94 9.02
CA ALA A 111 -2.18 -10.97 10.05
C ALA A 111 -1.46 -12.19 9.48
N MSE A 112 -1.77 -12.56 8.25
CA MSE A 112 -1.09 -13.68 7.59
CA MSE A 112 -1.11 -13.67 7.55
C MSE A 112 0.38 -13.40 7.43
O MSE A 112 1.21 -14.29 7.56
CB MSE A 112 -1.71 -13.99 6.22
CB MSE A 112 -1.80 -13.86 6.19
CG MSE A 112 -1.00 -15.13 5.47
CG MSE A 112 -1.38 -15.08 5.35
SE MSE A 112 -0.77 -16.82 6.53
SE MSE A 112 -2.13 -16.80 5.98
CE MSE A 112 -2.56 -17.51 6.09
CE MSE A 112 -0.71 -17.15 7.31
N GLY A 113 0.76 -12.14 7.15
CA GLY A 113 2.17 -11.79 7.03
C GLY A 113 2.92 -12.06 8.32
N VAL A 114 2.30 -11.71 9.44
CA VAL A 114 2.92 -11.96 10.75
C VAL A 114 3.06 -13.48 10.96
N VAL A 115 1.99 -14.23 10.62
CA VAL A 115 2.07 -15.67 10.78
C VAL A 115 3.20 -16.27 9.90
N LEU A 116 3.24 -15.87 8.63
CA LEU A 116 4.31 -16.37 7.76
C LEU A 116 5.69 -16.09 8.30
N ASP A 117 5.87 -14.89 8.83
CA ASP A 117 7.16 -14.49 9.30
C ASP A 117 7.53 -15.05 10.66
N GLU A 118 6.54 -15.27 11.56
CA GLU A 118 6.84 -15.63 12.94
CA GLU A 118 6.85 -15.63 12.94
C GLU A 118 6.32 -17.01 13.38
N ALA A 119 5.35 -17.54 12.67
CA ALA A 119 4.76 -18.84 13.02
C ALA A 119 4.42 -19.64 11.75
N PRO A 120 5.40 -19.84 10.88
CA PRO A 120 5.10 -20.46 9.58
C PRO A 120 4.51 -21.88 9.70
N ALA A 121 4.81 -22.58 10.79
CA ALA A 121 4.23 -23.91 10.99
C ALA A 121 2.71 -23.92 11.02
N GLN A 122 2.12 -22.82 11.44
CA GLN A 122 0.65 -22.70 11.50
C GLN A 122 0.08 -21.93 10.34
N SER A 123 0.89 -21.62 9.34
CA SER A 123 0.39 -20.76 8.25
C SER A 123 -0.74 -21.37 7.43
N LEU A 124 -0.63 -22.64 7.01
CA LEU A 124 -1.70 -23.21 6.19
C LEU A 124 -3.01 -23.37 6.99
N SER A 125 -2.90 -23.71 8.26
CA SER A 125 -4.07 -23.82 9.13
CA SER A 125 -4.09 -23.84 9.10
C SER A 125 -4.71 -22.46 9.36
N PHE A 126 -3.86 -21.44 9.47
CA PHE A 126 -4.39 -20.07 9.66
C PHE A 126 -5.11 -19.59 8.41
N HIS A 127 -4.54 -19.92 7.26
CA HIS A 127 -5.20 -19.62 5.98
C HIS A 127 -6.61 -20.17 5.96
N ASN A 128 -6.72 -21.45 6.31
CA ASN A 128 -8.03 -22.07 6.42
C ASN A 128 -8.92 -21.37 7.42
N ALA A 129 -8.37 -21.06 8.59
CA ALA A 129 -9.18 -20.46 9.62
C ALA A 129 -9.71 -19.09 9.23
N ALA A 130 -8.91 -18.31 8.48
CA ALA A 130 -9.33 -16.97 8.07
C ALA A 130 -10.47 -17.11 7.07
N PHE A 131 -10.39 -18.09 6.19
CA PHE A 131 -11.51 -18.34 5.28
C PHE A 131 -12.74 -18.83 6.02
N GLU A 132 -12.56 -19.61 7.09
CA GLU A 132 -13.67 -20.12 7.90
CA GLU A 132 -13.71 -20.10 7.84
C GLU A 132 -14.45 -18.97 8.52
N ILE A 133 -13.74 -17.93 8.93
CA ILE A 133 -14.43 -16.74 9.48
C ILE A 133 -15.42 -16.20 8.43
N PHE A 134 -14.93 -16.06 7.20
CA PHE A 134 -15.72 -15.50 6.13
CA PHE A 134 -15.72 -15.51 6.14
C PHE A 134 -16.89 -16.42 5.82
N SER A 135 -16.62 -17.73 5.72
CA SER A 135 -17.69 -18.67 5.46
C SER A 135 -18.78 -18.62 6.53
N GLN A 136 -18.39 -18.57 7.79
CA GLN A 136 -19.38 -18.53 8.83
C GLN A 136 -20.19 -17.21 8.73
N ALA A 137 -19.54 -16.11 8.40
CA ALA A 137 -20.27 -14.83 8.26
C ALA A 137 -21.29 -14.86 7.11
N ILE A 138 -20.93 -15.48 5.98
CA ILE A 138 -21.83 -15.60 4.83
C ILE A 138 -23.10 -16.36 5.23
N GLN A 139 -22.88 -17.45 5.97
CA GLN A 139 -23.96 -18.36 6.37
CA GLN A 139 -23.92 -18.38 6.41
C GLN A 139 -24.89 -17.74 7.40
N THR A 140 -24.32 -17.02 8.34
CA THR A 140 -25.10 -16.54 9.46
C THR A 140 -25.50 -15.09 9.40
N LYS A 141 -24.75 -14.30 8.62
CA LYS A 141 -24.83 -12.84 8.63
C LYS A 141 -24.32 -12.24 9.93
N ASN A 142 -23.59 -13.01 10.72
CA ASN A 142 -22.96 -12.52 11.93
C ASN A 142 -21.52 -12.21 11.50
N GLN A 143 -21.25 -10.93 11.27
CA GLN A 143 -19.94 -10.47 10.83
C GLN A 143 -19.04 -10.03 11.98
N SER A 144 -19.42 -10.35 13.23
CA SER A 144 -18.74 -9.78 14.39
C SER A 144 -17.28 -10.21 14.57
N ASN A 145 -16.92 -11.36 13.97
CA ASN A 145 -15.55 -11.88 14.04
C ASN A 145 -14.68 -11.42 12.88
N MSE A 146 -15.23 -10.61 11.98
CA MSE A 146 -14.43 -10.07 10.85
C MSE A 146 -13.65 -8.85 11.30
O MSE A 146 -13.87 -7.71 10.83
CB MSE A 146 -15.33 -9.81 9.65
CG MSE A 146 -15.88 -11.15 9.17
SE MSE A 146 -16.90 -10.89 7.53
CE MSE A 146 -15.42 -10.55 6.30
N THR A 147 -12.77 -9.10 12.28
CA THR A 147 -12.01 -8.07 12.94
C THR A 147 -10.63 -8.61 13.27
N VAL A 148 -9.73 -7.73 13.70
CA VAL A 148 -8.45 -8.17 14.25
C VAL A 148 -8.65 -9.18 15.41
N GLU A 149 -9.60 -8.87 16.29
CA GLU A 149 -9.85 -9.72 17.44
C GLU A 149 -10.33 -11.10 17.02
N GLY A 150 -11.11 -11.16 15.93
CA GLY A 150 -11.56 -12.41 15.35
C GLY A 150 -10.39 -13.19 14.79
N LEU A 151 -9.46 -12.51 14.14
CA LEU A 151 -8.26 -13.21 13.64
C LEU A 151 -7.35 -13.69 14.75
N VAL A 152 -7.24 -12.93 15.84
CA VAL A 152 -6.52 -13.40 17.02
C VAL A 152 -7.18 -14.71 17.52
N ALA A 153 -8.50 -14.72 17.56
CA ALA A 153 -9.21 -15.93 17.99
C ALA A 153 -8.99 -17.09 17.03
N ALA A 154 -8.97 -16.83 15.73
CA ALA A 154 -8.69 -17.87 14.77
C ALA A 154 -7.26 -18.39 14.92
N ALA A 155 -6.32 -17.49 15.18
CA ALA A 155 -4.97 -17.88 15.42
C ALA A 155 -4.86 -18.79 16.66
N ALA A 156 -5.62 -18.48 17.71
CA ALA A 156 -5.61 -19.33 18.89
C ALA A 156 -6.18 -20.71 18.55
N LYS A 157 -7.25 -20.73 17.75
CA LYS A 157 -7.90 -22.00 17.35
CA LYS A 157 -7.89 -21.98 17.33
C LYS A 157 -6.89 -22.94 16.69
N VAL A 158 -5.95 -22.39 15.91
CA VAL A 158 -4.94 -23.20 15.24
C VAL A 158 -3.60 -23.17 15.93
N ASN A 159 -3.58 -22.67 17.15
CA ASN A 159 -2.42 -22.69 18.03
C ASN A 159 -1.18 -21.95 17.49
N VAL A 160 -1.45 -20.80 16.85
CA VAL A 160 -0.41 -19.82 16.69
C VAL A 160 0.01 -19.37 18.10
N PRO A 161 1.31 -19.23 18.38
CA PRO A 161 1.72 -18.74 19.69
C PRO A 161 1.12 -17.38 20.04
N LYS A 162 0.75 -17.18 21.31
CA LYS A 162 0.15 -15.93 21.74
C LYS A 162 1.06 -14.73 21.43
N GLU A 163 2.37 -14.90 21.58
CA GLU A 163 3.30 -13.79 21.32
C GLU A 163 3.26 -13.36 19.86
N VAL A 164 2.87 -14.26 19.00
CA VAL A 164 2.74 -13.94 17.57
C VAL A 164 1.41 -13.26 17.25
N SER A 165 0.30 -13.86 17.69
CA SER A 165 -0.99 -13.26 17.40
C SER A 165 -1.15 -11.88 18.06
N ALA A 166 -0.40 -11.63 19.16
CA ALA A 166 -0.39 -10.31 19.80
C ALA A 166 0.12 -9.21 18.90
N LYS A 167 0.81 -9.58 17.82
CA LYS A 167 1.40 -8.62 16.88
C LYS A 167 0.45 -8.27 15.74
N PHE A 168 -0.70 -8.92 15.67
CA PHE A 168 -1.61 -8.68 14.55
C PHE A 168 -2.11 -7.24 14.52
N LYS A 169 -2.56 -6.72 15.66
CA LYS A 169 -3.19 -5.39 15.69
CA LYS A 169 -3.17 -5.38 15.70
C LYS A 169 -2.21 -4.34 15.15
N ALA A 170 -0.96 -4.37 15.61
CA ALA A 170 0.02 -3.38 15.15
C ALA A 170 0.32 -3.51 13.67
N ALA A 171 0.36 -4.76 13.17
CA ALA A 171 0.61 -4.94 11.76
C ALA A 171 -0.54 -4.39 10.92
N VAL A 172 -1.75 -4.68 11.35
CA VAL A 172 -2.94 -4.18 10.67
C VAL A 172 -3.02 -2.64 10.71
N ASP A 173 -2.82 -2.03 11.90
CA ASP A 173 -2.91 -0.59 12.09
CA ASP A 173 -2.89 -0.56 12.10
C ASP A 173 -1.84 0.18 11.28
N SER A 174 -0.66 -0.42 11.13
CA SER A 174 0.44 0.19 10.43
C SER A 174 0.47 -0.19 8.94
N ASP A 175 -0.43 -1.09 8.51
CA ASP A 175 -0.40 -1.75 7.19
C ASP A 175 1.02 -2.22 6.89
N LYS A 176 1.58 -2.99 7.82
CA LYS A 176 2.94 -3.45 7.72
C LYS A 176 3.22 -4.14 6.36
N TYR A 177 2.27 -4.94 5.91
CA TYR A 177 2.41 -5.71 4.69
C TYR A 177 1.66 -5.15 3.50
N GLY A 178 1.44 -3.84 3.50
CA GLY A 178 0.77 -3.22 2.35
C GLY A 178 1.47 -3.44 1.06
N LYS A 179 2.81 -3.52 1.09
CA LYS A 179 3.55 -3.80 -0.15
C LYS A 179 3.24 -5.18 -0.71
N TRP A 180 2.98 -6.11 0.18
CA TRP A 180 2.63 -7.47 -0.25
C TRP A 180 1.27 -7.48 -0.93
N VAL A 181 0.31 -6.79 -0.34
CA VAL A 181 -1.02 -6.66 -0.92
C VAL A 181 -0.91 -6.06 -2.33
N LYS A 182 -0.15 -4.97 -2.45
CA LYS A 182 0.04 -4.33 -3.74
CA LYS A 182 0.10 -4.32 -3.75
C LYS A 182 0.69 -5.31 -4.76
N LEU A 183 1.66 -6.08 -4.34
CA LEU A 183 2.36 -6.99 -5.24
C LEU A 183 1.42 -8.09 -5.72
N GLY A 184 0.58 -8.59 -4.84
CA GLY A 184 -0.34 -9.67 -5.27
C GLY A 184 -1.29 -9.18 -6.34
N ASP A 185 -1.78 -7.96 -6.16
CA ASP A 185 -2.64 -7.35 -7.17
C ASP A 185 -1.85 -7.12 -8.47
N GLU A 186 -0.60 -6.67 -8.36
CA GLU A 186 0.25 -6.44 -9.53
C GLU A 186 0.45 -7.72 -10.32
N ALA A 187 0.70 -8.81 -9.61
CA ALA A 187 0.95 -10.09 -10.24
C ALA A 187 -0.31 -10.66 -10.91
N PHE A 188 -1.45 -10.50 -10.25
CA PHE A 188 -2.71 -10.96 -10.77
C PHE A 188 -3.02 -10.21 -12.06
N LYS A 189 -2.81 -8.88 -12.05
CA LYS A 189 -3.05 -8.05 -13.25
C LYS A 189 -2.12 -8.38 -14.39
N ALA A 190 -0.85 -8.63 -14.06
CA ALA A 190 0.17 -8.88 -15.06
C ALA A 190 -0.18 -10.09 -15.90
N ARG A 191 -0.74 -11.10 -15.24
CA ARG A 191 -1.08 -12.36 -15.85
C ARG A 191 -2.47 -12.39 -16.46
N GLU A 192 -3.14 -11.25 -16.38
CA GLU A 192 -4.43 -11.00 -17.04
C GLU A 192 -5.47 -12.04 -16.68
N LEU A 193 -5.49 -12.36 -15.41
CA LEU A 193 -6.45 -13.32 -14.89
C LEU A 193 -7.79 -12.59 -14.74
N GLU A 194 -8.86 -13.38 -14.78
CA GLU A 194 -10.19 -12.81 -14.95
C GLU A 194 -11.05 -12.81 -13.68
N GLY A 195 -10.76 -13.69 -12.75
CA GLY A 195 -11.53 -13.78 -11.53
C GLY A 195 -10.86 -14.64 -10.49
N THR A 196 -11.53 -14.80 -9.35
CA THR A 196 -11.04 -15.69 -8.28
C THR A 196 -12.14 -16.70 -7.87
N PRO A 197 -11.76 -17.91 -7.48
CA PRO A 197 -10.41 -18.42 -7.63
C PRO A 197 -10.03 -18.67 -9.09
N THR A 198 -8.72 -18.73 -9.36
CA THR A 198 -8.18 -19.24 -10.61
C THR A 198 -7.19 -20.31 -10.21
N VAL A 199 -7.27 -21.48 -10.83
CA VAL A 199 -6.42 -22.61 -10.47
C VAL A 199 -5.66 -23.12 -11.70
N PHE A 200 -4.37 -23.40 -11.51
CA PHE A 200 -3.54 -24.05 -12.52
C PHE A 200 -2.92 -25.29 -11.91
N PHE A 201 -2.76 -26.32 -12.74
CA PHE A 201 -2.07 -27.54 -12.34
C PHE A 201 -1.09 -27.90 -13.43
N LYS A 202 0.17 -28.03 -13.06
CA LYS A 202 1.25 -28.17 -14.05
CA LYS A 202 1.27 -28.15 -14.04
C LYS A 202 1.21 -27.08 -15.12
N GLY A 203 0.88 -25.88 -14.72
CA GLY A 203 0.84 -24.74 -15.61
C GLY A 203 -0.39 -24.66 -16.50
N GLU A 204 -1.29 -25.66 -16.43
CA GLU A 204 -2.49 -25.70 -17.28
C GLU A 204 -3.71 -25.27 -16.46
N LYS A 205 -4.55 -24.44 -17.07
CA LYS A 205 -5.78 -23.98 -16.43
CA LYS A 205 -5.76 -23.98 -16.41
C LYS A 205 -6.66 -25.17 -16.04
N VAL A 206 -7.24 -25.08 -14.84
CA VAL A 206 -8.16 -26.08 -14.33
C VAL A 206 -9.57 -25.52 -14.40
N ASP A 207 -10.48 -26.29 -15.02
CA ASP A 207 -11.90 -25.93 -15.11
C ASP A 207 -12.51 -26.08 -13.71
N LEU A 208 -12.89 -24.95 -13.11
CA LEU A 208 -13.44 -24.95 -11.77
C LEU A 208 -14.78 -25.65 -11.70
N ASN A 209 -15.47 -25.71 -12.83
CA ASN A 209 -16.75 -26.44 -12.87
C ASN A 209 -16.59 -27.97 -12.79
N LYS A 210 -15.38 -28.46 -13.02
CA LYS A 210 -15.14 -29.88 -12.85
C LYS A 210 -14.71 -30.23 -11.44
N LEU A 211 -14.54 -29.24 -10.56
CA LEU A 211 -14.10 -29.50 -9.20
C LEU A 211 -15.26 -29.34 -8.25
N GLN A 212 -16.17 -30.28 -8.23
CA GLN A 212 -17.35 -30.06 -7.39
CA GLN A 212 -17.43 -30.15 -7.48
C GLN A 212 -17.48 -31.07 -6.26
N THR A 213 -16.44 -31.86 -6.07
CA THR A 213 -16.41 -32.82 -4.98
C THR A 213 -15.13 -32.66 -4.15
N PRO A 214 -15.13 -33.22 -2.92
CA PRO A 214 -13.96 -33.03 -2.07
C PRO A 214 -12.78 -33.87 -2.45
N THR A 215 -12.94 -34.69 -3.48
CA THR A 215 -11.83 -35.50 -4.00
C THR A 215 -11.46 -35.13 -5.43
N SER A 216 -12.06 -34.07 -5.94
CA SER A 216 -11.83 -33.73 -7.35
CA SER A 216 -11.85 -33.64 -7.33
C SER A 216 -10.40 -33.28 -7.69
N LEU A 217 -9.69 -32.63 -6.77
CA LEU A 217 -8.29 -32.27 -7.03
C LEU A 217 -7.45 -33.56 -7.02
N THR A 218 -7.73 -34.45 -6.10
CA THR A 218 -7.01 -35.73 -6.03
C THR A 218 -7.14 -36.52 -7.34
N GLU A 219 -8.35 -36.56 -7.86
CA GLU A 219 -8.62 -37.21 -9.15
C GLU A 219 -7.86 -36.59 -10.30
N LEU A 220 -7.81 -35.26 -10.33
CA LEU A 220 -7.02 -34.54 -11.32
C LEU A 220 -5.55 -34.88 -11.19
N VAL A 221 -5.02 -34.81 -9.98
CA VAL A 221 -3.58 -35.03 -9.75
C VAL A 221 -3.18 -36.48 -10.07
N THR A 222 -4.01 -37.44 -9.71
CA THR A 222 -3.65 -38.85 -9.98
C THR A 222 -4.09 -39.36 -11.37
N GLY A 223 -4.85 -38.57 -12.13
CA GLY A 223 -5.30 -39.04 -13.48
C GLY A 223 -6.53 -39.93 -13.38
N SER A 224 -7.05 -39.91 -12.15
CA SER A 224 -8.34 -40.43 -11.66
C SER A 224 -8.09 -41.75 -11.04
N SER B 11 -18.49 13.52 2.57
CA SER B 11 -17.71 13.13 3.77
C SER B 11 -17.20 14.35 4.58
N SER B 12 -17.20 14.17 5.90
CA SER B 12 -16.55 15.07 6.83
C SER B 12 -15.02 14.83 6.77
N LYS B 13 -14.64 13.64 6.27
CA LYS B 13 -13.24 13.25 6.07
CA LYS B 13 -13.22 13.32 6.14
C LYS B 13 -12.57 14.02 4.93
N PHE B 14 -13.33 14.19 3.83
CA PHE B 14 -12.89 14.90 2.60
C PHE B 14 -13.89 16.02 2.21
N PRO B 15 -13.88 17.13 2.96
CA PRO B 15 -14.80 18.23 2.67
C PRO B 15 -14.56 18.80 1.28
N ALA B 16 -15.62 19.31 0.66
CA ALA B 16 -15.47 20.00 -0.61
C ALA B 16 -14.47 21.16 -0.47
N PRO B 17 -13.82 21.58 -1.55
CA PRO B 17 -12.88 22.69 -1.40
C PRO B 17 -13.52 23.99 -0.88
N SER B 18 -14.80 24.22 -1.20
CA SER B 18 -15.55 25.38 -0.66
C SER B 18 -15.63 25.41 0.88
N GLU B 19 -15.40 24.26 1.51
CA GLU B 19 -15.39 24.13 2.97
C GLU B 19 -14.03 24.50 3.56
N GLY B 20 -13.03 24.61 2.69
CA GLY B 20 -11.64 24.77 3.08
C GLY B 20 -11.13 23.66 4.00
N LEU B 21 -10.50 24.12 5.04
CA LEU B 21 -9.82 23.25 5.96
CA LEU B 21 -9.82 23.27 5.98
C LEU B 21 -10.88 22.73 6.92
N ALA B 24 -10.34 17.24 11.08
CA ALA B 24 -9.66 16.55 12.15
C ALA B 24 -8.42 15.75 11.68
N LYS B 25 -7.58 15.41 12.65
N LYS B 25 -7.57 15.42 12.65
CA LYS B 25 -6.39 14.62 12.37
CA LYS B 25 -6.37 14.65 12.35
C LYS B 25 -6.79 13.23 11.91
C LYS B 25 -6.78 13.24 11.92
N ALA B 26 -5.98 12.67 11.00
CA ALA B 26 -6.16 11.27 10.60
C ALA B 26 -6.01 10.29 11.80
N ASN B 27 -5.03 10.53 12.68
CA ASN B 27 -4.79 9.71 13.89
C ASN B 27 -4.80 8.20 13.57
N GLN B 28 -3.95 7.84 12.61
CA GLN B 28 -3.79 6.46 12.14
C GLN B 28 -2.33 6.07 12.00
N GLY B 29 -2.07 4.78 12.23
CA GLY B 29 -0.78 4.23 11.89
C GLY B 29 -0.52 4.40 10.40
N GLY B 30 0.73 4.63 10.03
CA GLY B 30 1.12 4.76 8.62
C GLY B 30 0.80 6.12 8.01
N ILE B 31 0.35 7.06 8.84
CA ILE B 31 0.01 8.41 8.41
C ILE B 31 0.68 9.37 9.40
N PRO B 32 1.35 10.44 8.91
CA PRO B 32 2.03 11.28 9.89
C PRO B 32 1.05 11.86 10.94
N LYS B 33 1.55 11.99 12.16
CA LYS B 33 0.77 12.43 13.30
C LYS B 33 0.04 13.76 13.10
N GLN B 34 0.65 14.71 12.39
CA GLN B 34 -0.01 16.01 12.23
CA GLN B 34 0.06 16.03 12.19
C GLN B 34 -0.84 16.10 10.95
N VAL B 35 -0.92 15.03 10.17
CA VAL B 35 -1.68 14.99 8.92
C VAL B 35 -3.17 14.84 9.19
N LEU B 36 -3.97 15.59 8.42
CA LEU B 36 -5.40 15.60 8.55
C LEU B 36 -6.09 14.42 7.86
N SER B 37 -7.39 14.28 8.11
CA SER B 37 -8.19 13.18 7.57
C SER B 37 -8.21 13.08 6.06
N ASP B 38 -7.89 14.18 5.38
CA ASP B 38 -7.80 14.19 3.92
C ASP B 38 -6.37 14.13 3.39
N ALA B 39 -5.44 13.72 4.24
CA ALA B 39 -4.01 13.56 3.88
C ALA B 39 -3.20 14.85 3.82
N SER B 40 -3.87 15.97 4.08
CA SER B 40 -3.20 17.29 3.99
C SER B 40 -2.46 17.60 5.28
N TRP B 41 -1.56 18.58 5.19
CA TRP B 41 -1.03 19.23 6.37
C TRP B 41 -0.93 20.72 6.12
N THR B 42 -0.87 21.47 7.21
CA THR B 42 -1.06 22.91 7.14
C THR B 42 -0.04 23.72 7.92
N TYR B 43 0.09 24.97 7.50
CA TYR B 43 0.92 25.99 8.17
C TYR B 43 0.08 27.27 8.36
N GLY B 44 0.12 27.84 9.57
CA GLY B 44 -0.50 29.13 9.83
C GLY B 44 -1.98 29.12 10.19
N GLU B 45 -2.59 27.95 10.44
CA GLU B 45 -4.06 27.86 10.71
C GLU B 45 -4.49 28.28 12.12
N GLY B 46 -3.53 28.43 13.02
CA GLY B 46 -3.84 28.68 14.43
C GLY B 46 -3.53 30.12 14.84
N SER B 55 -8.91 34.87 11.40
CA SER B 55 -7.75 34.11 11.03
C SER B 55 -7.38 34.39 9.53
N ALA B 56 -6.59 33.50 8.92
CA ALA B 56 -6.07 33.75 7.57
C ALA B 56 -6.68 32.84 6.53
N PRO B 57 -7.04 33.37 5.36
CA PRO B 57 -7.70 32.54 4.36
C PRO B 57 -6.83 31.42 3.82
N VAL B 58 -7.46 30.29 3.47
CA VAL B 58 -6.76 29.09 3.06
C VAL B 58 -6.37 29.08 1.59
N LEU B 59 -5.08 28.82 1.35
CA LEU B 59 -4.54 28.49 0.04
C LEU B 59 -4.27 27.00 0.03
N ASP B 60 -5.05 26.26 -0.76
CA ASP B 60 -4.91 24.79 -0.84
C ASP B 60 -4.11 24.48 -2.10
N ILE B 61 -3.05 23.69 -1.98
CA ILE B 61 -2.34 23.20 -3.13
C ILE B 61 -2.41 21.68 -3.20
N TYR B 62 -3.08 21.16 -4.26
CA TYR B 62 -3.11 19.74 -4.60
C TYR B 62 -1.99 19.44 -5.60
N PHE B 63 -1.06 18.55 -5.21
CA PHE B 63 0.19 18.35 -5.94
C PHE B 63 0.63 16.88 -5.90
N ASP B 64 1.54 16.55 -6.79
CA ASP B 64 2.22 15.25 -6.83
C ASP B 64 3.69 15.62 -6.95
N TYR B 65 4.53 15.03 -6.09
CA TYR B 65 5.96 15.27 -6.11
C TYR B 65 6.62 14.88 -7.43
N SER B 66 5.94 14.05 -8.23
CA SER B 66 6.46 13.63 -9.53
C SER B 66 5.92 14.43 -10.74
N CYS B 67 5.18 15.48 -10.45
CA CYS B 67 4.55 16.32 -11.49
C CYS B 67 5.40 17.54 -11.77
N SER B 68 5.83 17.67 -13.03
CA SER B 68 6.75 18.73 -13.43
C SER B 68 6.09 20.12 -13.29
N HIS B 69 4.78 20.19 -13.47
CA HIS B 69 4.08 21.43 -13.32
C HIS B 69 4.04 21.85 -11.85
N CYS B 70 3.88 20.87 -10.96
CA CYS B 70 3.94 21.12 -9.53
C CYS B 70 5.34 21.62 -9.11
N ALA B 71 6.39 21.01 -9.66
CA ALA B 71 7.76 21.42 -9.36
C ALA B 71 7.98 22.86 -9.77
N GLN B 72 7.50 23.22 -10.96
CA GLN B 72 7.63 24.59 -11.47
CA GLN B 72 7.69 24.60 -11.44
C GLN B 72 6.85 25.59 -10.62
N PHE B 73 5.66 25.18 -10.19
CA PHE B 73 4.82 26.02 -9.35
C PHE B 73 5.51 26.31 -8.00
N GLU B 74 6.02 25.24 -7.36
CA GLU B 74 6.75 25.40 -6.09
C GLU B 74 7.97 26.33 -6.25
N GLY B 75 8.76 26.13 -7.30
CA GLY B 75 9.91 26.97 -7.51
C GLY B 75 9.54 28.42 -7.69
N LEU B 76 8.49 28.67 -8.46
CA LEU B 76 8.08 30.02 -8.77
C LEU B 76 7.51 30.75 -7.54
N HIS B 77 6.72 30.03 -6.74
CA HIS B 77 5.94 30.69 -5.71
C HIS B 77 6.42 30.50 -4.29
N THR B 78 7.48 29.72 -4.09
CA THR B 78 7.89 29.43 -2.71
C THR B 78 8.20 30.72 -1.92
N GLN B 79 8.90 31.69 -2.54
CA GLN B 79 9.25 32.88 -1.80
CA GLN B 79 9.26 32.87 -1.78
C GLN B 79 8.01 33.64 -1.37
N GLU B 80 7.07 33.84 -2.31
CA GLU B 80 5.91 34.65 -1.94
C GLU B 80 4.98 33.90 -0.94
N ILE B 81 4.89 32.59 -1.07
CA ILE B 81 4.11 31.81 -0.12
C ILE B 81 4.70 31.97 1.29
N ASN B 82 6.02 31.87 1.40
CA ASN B 82 6.64 32.04 2.70
C ASN B 82 6.44 33.46 3.23
N GLN B 83 6.47 34.44 2.34
CA GLN B 83 6.21 35.83 2.76
C GLN B 83 4.78 36.02 3.24
N LEU B 84 3.82 35.46 2.49
CA LEU B 84 2.41 35.54 2.91
C LEU B 84 2.21 34.85 4.25
N LEU B 85 2.82 33.69 4.46
CA LEU B 85 2.76 33.04 5.77
C LEU B 85 3.37 33.88 6.90
N SER B 86 4.54 34.46 6.64
CA SER B 86 5.21 35.27 7.62
CA SER B 86 5.22 35.29 7.64
C SER B 86 4.33 36.44 8.04
N ASP B 87 3.61 37.00 7.08
CA ASP B 87 2.74 38.14 7.33
C ASP B 87 1.32 37.75 7.77
N LYS B 88 1.11 36.44 7.99
CA LYS B 88 -0.16 35.88 8.44
C LYS B 88 -1.31 36.25 7.53
N LYS B 89 -1.04 36.27 6.22
CA LYS B 89 -2.07 36.59 5.23
C LYS B 89 -2.72 35.35 4.60
N ILE B 90 -2.10 34.19 4.80
CA ILE B 90 -2.67 32.91 4.33
C ILE B 90 -2.44 31.85 5.39
N THR B 91 -3.31 30.84 5.29
CA THR B 91 -3.09 29.51 5.83
C THR B 91 -2.76 28.63 4.64
N LEU B 92 -1.62 27.93 4.70
CA LEU B 92 -1.22 27.05 3.59
C LEU B 92 -1.62 25.61 3.88
N ALA B 93 -2.32 25.00 2.97
CA ALA B 93 -2.66 23.59 3.06
C ALA B 93 -2.11 22.82 1.87
N LEU B 94 -1.26 21.84 2.18
CA LEU B 94 -0.62 20.99 1.18
C LEU B 94 -1.30 19.63 1.13
N HIS B 95 -1.79 19.26 -0.05
CA HIS B 95 -2.55 18.05 -0.28
C HIS B 95 -1.77 17.18 -1.26
N PRO B 96 -1.11 16.13 -0.77
CA PRO B 96 -0.32 15.26 -1.64
C PRO B 96 -1.14 14.18 -2.33
N CYS B 97 -0.73 13.79 -3.52
CA CYS B 97 -1.27 12.59 -4.13
C CYS B 97 -0.25 11.93 -5.05
N LYS B 98 -0.63 10.81 -5.66
CA LYS B 98 0.24 10.04 -6.54
C LYS B 98 -0.49 9.84 -7.89
N LEU B 99 -1.10 10.90 -8.36
CA LEU B 99 -1.84 10.89 -9.63
C LEU B 99 -1.03 10.28 -10.80
N LEU B 100 0.25 10.58 -10.89
CA LEU B 100 1.03 10.15 -12.06
CA LEU B 100 1.04 10.15 -12.06
C LEU B 100 1.56 8.72 -11.91
N GLN B 101 1.29 8.10 -10.75
CA GLN B 101 1.66 6.70 -10.49
C GLN B 101 3.15 6.41 -10.56
N GLN B 102 3.97 7.39 -10.20
CA GLN B 102 5.40 7.24 -10.24
C GLN B 102 5.95 6.89 -8.87
N GLU B 103 6.84 5.90 -8.82
CA GLU B 103 7.45 5.45 -7.57
CA GLU B 103 7.33 5.48 -7.52
C GLU B 103 8.12 6.56 -6.78
N TRP B 104 8.79 7.49 -7.49
CA TRP B 104 9.44 8.66 -6.85
C TRP B 104 8.52 9.31 -5.81
N THR B 105 7.23 9.40 -6.12
CA THR B 105 6.27 10.01 -5.22
C THR B 105 6.25 9.28 -3.86
N SER B 106 6.22 7.97 -3.87
CA SER B 106 6.25 7.19 -2.66
C SER B 106 7.58 7.35 -1.92
N VAL B 107 8.67 7.44 -2.66
CA VAL B 107 9.96 7.72 -2.04
C VAL B 107 9.93 9.03 -1.27
N VAL B 108 9.52 10.11 -1.96
CA VAL B 108 9.47 11.41 -1.32
C VAL B 108 8.47 11.46 -0.14
N MSE B 109 7.28 10.88 -0.31
CA MSE B 109 6.26 10.93 0.72
C MSE B 109 6.74 10.13 1.93
O MSE B 109 6.44 10.51 3.05
CB MSE B 109 4.88 10.48 0.25
CG MSE B 109 4.25 11.58 -0.62
SE MSE B 109 2.47 11.16 -1.24
CE MSE B 109 1.60 11.21 0.50
N ASN B 110 7.44 9.01 1.74
CA ASN B 110 8.02 8.33 2.92
C ASN B 110 9.05 9.17 3.68
N ALA B 111 9.94 9.82 2.94
CA ALA B 111 10.87 10.76 3.57
C ALA B 111 10.15 11.93 4.26
N MSE B 112 9.17 12.51 3.60
CA MSE B 112 8.40 13.61 4.17
CA MSE B 112 8.37 13.60 4.13
C MSE B 112 7.65 13.19 5.40
O MSE B 112 7.55 13.96 6.34
CB MSE B 112 7.42 14.20 3.15
CB MSE B 112 7.40 14.05 3.03
CG MSE B 112 6.59 15.35 3.75
CG MSE B 112 6.64 15.35 3.33
SE MSE B 112 7.60 16.84 4.55
SE MSE B 112 7.68 16.99 3.04
CE MSE B 112 7.91 17.70 2.81
CE MSE B 112 7.97 17.27 4.96
N GLY B 113 7.15 11.97 5.43
CA GLY B 113 6.48 11.49 6.62
C GLY B 113 7.40 11.45 7.82
N VAL B 114 8.66 10.99 7.63
CA VAL B 114 9.63 11.00 8.71
C VAL B 114 9.89 12.44 9.19
N VAL B 115 10.09 13.35 8.24
CA VAL B 115 10.32 14.76 8.59
C VAL B 115 9.12 15.35 9.36
N LEU B 116 7.91 15.09 8.89
CA LEU B 116 6.72 15.58 9.57
C LEU B 116 6.65 15.05 10.99
N ASP B 117 6.94 13.77 11.17
CA ASP B 117 6.83 13.16 12.47
C ASP B 117 7.96 13.49 13.42
N GLU B 118 9.16 13.68 12.89
CA GLU B 118 10.34 13.81 13.76
C GLU B 118 11.09 15.13 13.64
N ALA B 119 10.88 15.90 12.57
CA ALA B 119 11.53 17.20 12.42
C ALA B 119 10.56 18.22 11.78
N PRO B 120 9.39 18.40 12.39
CA PRO B 120 8.38 19.25 11.74
C PRO B 120 8.84 20.68 11.46
N ALA B 121 9.77 21.19 12.27
CA ALA B 121 10.23 22.58 12.04
C ALA B 121 10.94 22.77 10.70
N GLN B 122 11.45 21.70 10.11
CA GLN B 122 12.10 21.73 8.81
C GLN B 122 11.22 21.25 7.65
N SER B 123 9.96 20.91 7.95
CA SER B 123 9.12 20.28 6.95
C SER B 123 8.84 21.13 5.71
N LEU B 124 8.51 22.41 5.86
CA LEU B 124 8.21 23.21 4.67
C LEU B 124 9.47 23.40 3.81
N SER B 125 10.62 23.62 4.45
CA SER B 125 11.86 23.77 3.72
CA SER B 125 11.85 23.77 3.69
C SER B 125 12.20 22.45 3.01
N PHE B 126 11.94 21.32 3.68
CA PHE B 126 12.17 20.02 3.04
C PHE B 126 11.28 19.75 1.82
N HIS B 127 10.02 20.16 1.95
CA HIS B 127 9.07 20.11 0.85
C HIS B 127 9.65 20.84 -0.38
N ASN B 128 10.13 22.06 -0.14
CA ASN B 128 10.74 22.84 -1.21
C ASN B 128 11.96 22.14 -1.80
N ALA B 129 12.80 21.61 -0.94
CA ALA B 129 14.05 20.97 -1.37
C ALA B 129 13.82 19.71 -2.17
N ALA B 130 12.78 18.96 -1.81
CA ALA B 130 12.43 17.73 -2.54
C ALA B 130 11.93 18.09 -3.96
N PHE B 131 11.16 19.16 -4.06
CA PHE B 131 10.73 19.61 -5.37
C PHE B 131 11.91 20.19 -6.16
N GLU B 132 12.87 20.85 -5.49
CA GLU B 132 14.05 21.38 -6.18
CA GLU B 132 14.04 21.38 -6.20
C GLU B 132 14.91 20.27 -6.79
N ILE B 133 14.97 19.11 -6.14
CA ILE B 133 15.67 17.96 -6.76
C ILE B 133 15.11 17.65 -8.16
N PHE B 134 13.79 17.60 -8.24
CA PHE B 134 13.07 17.33 -9.46
C PHE B 134 13.24 18.46 -10.45
N SER B 135 13.10 19.71 -10.00
CA SER B 135 13.29 20.83 -10.91
C SER B 135 14.67 20.76 -11.60
N GLN B 136 15.69 20.43 -10.80
CA GLN B 136 17.07 20.35 -11.31
C GLN B 136 17.23 19.23 -12.33
N ALA B 137 16.71 18.06 -11.97
CA ALA B 137 16.84 16.88 -12.82
C ALA B 137 16.15 17.11 -14.15
N ILE B 138 15.04 17.84 -14.12
CA ILE B 138 14.30 18.31 -15.31
C ILE B 138 15.21 19.14 -16.21
N GLN B 139 15.79 20.18 -15.64
CA GLN B 139 16.74 21.08 -16.33
C GLN B 139 17.97 20.36 -16.95
N THR B 140 18.55 19.36 -16.27
CA THR B 140 19.85 18.70 -16.63
C THR B 140 19.91 17.17 -17.12
N LYS B 141 18.91 16.39 -16.67
CA LYS B 141 18.70 14.95 -16.87
C LYS B 141 19.73 14.10 -16.10
N ASN B 142 20.34 14.70 -15.12
CA ASN B 142 21.18 13.97 -14.19
C ASN B 142 20.18 13.63 -13.06
N GLN B 143 19.72 12.38 -13.05
CA GLN B 143 18.80 11.93 -12.01
C GLN B 143 19.54 11.20 -10.90
N SER B 144 20.85 11.32 -10.86
CA SER B 144 21.62 10.67 -9.82
C SER B 144 21.15 10.96 -8.39
N ASN B 145 20.52 12.14 -8.19
CA ASN B 145 20.04 12.54 -6.85
C ASN B 145 18.55 12.27 -6.58
N MSE B 146 17.79 11.77 -7.55
CA MSE B 146 16.42 11.30 -7.22
C MSE B 146 16.47 9.93 -6.58
O MSE B 146 16.01 8.92 -7.15
CB MSE B 146 15.51 11.33 -8.41
CG MSE B 146 14.97 12.73 -8.61
SE MSE B 146 14.66 12.56 -10.50
CE MSE B 146 13.22 13.50 -11.05
N THR B 147 17.03 9.90 -5.39
CA THR B 147 17.26 8.68 -4.65
C THR B 147 17.05 9.09 -3.24
N VAL B 148 16.97 8.10 -2.38
CA VAL B 148 16.95 8.33 -0.96
C VAL B 148 18.16 9.15 -0.55
N GLU B 149 19.32 8.82 -1.11
CA GLU B 149 20.54 9.50 -0.69
C GLU B 149 20.47 11.00 -1.08
N GLY B 150 19.86 11.26 -2.21
CA GLY B 150 19.61 12.64 -2.61
C GLY B 150 18.70 13.36 -1.65
N LEU B 151 17.63 12.69 -1.21
CA LEU B 151 16.75 13.27 -0.20
C LEU B 151 17.45 13.53 1.14
N VAL B 152 18.36 12.64 1.53
CA VAL B 152 19.13 12.82 2.75
C VAL B 152 19.96 14.11 2.61
N ALA B 153 20.61 14.27 1.46
CA ALA B 153 21.42 15.46 1.21
C ALA B 153 20.55 16.72 1.22
N ALA B 154 19.37 16.64 0.65
CA ALA B 154 18.45 17.78 0.69
C ALA B 154 18.00 18.11 2.11
N ALA B 155 17.72 17.08 2.90
CA ALA B 155 17.35 17.24 4.29
C ALA B 155 18.50 17.92 5.09
N ALA B 156 19.75 17.46 4.87
CA ALA B 156 20.87 18.00 5.61
C ALA B 156 21.05 19.50 5.29
N LYS B 157 20.90 19.86 4.03
CA LYS B 157 20.96 21.25 3.62
C LYS B 157 19.99 22.17 4.37
N VAL B 158 18.79 21.67 4.63
CA VAL B 158 17.76 22.46 5.33
C VAL B 158 17.72 22.17 6.84
N ASN B 159 18.79 21.53 7.34
CA ASN B 159 19.03 21.30 8.77
CA ASN B 159 18.97 21.34 8.79
C ASN B 159 18.05 20.35 9.43
N VAL B 160 17.57 19.39 8.66
CA VAL B 160 16.91 18.23 9.28
C VAL B 160 18.02 17.55 10.10
N PRO B 161 17.74 17.18 11.37
CA PRO B 161 18.80 16.48 12.14
C PRO B 161 19.26 15.21 11.47
N LYS B 162 20.56 14.95 11.61
CA LYS B 162 21.20 13.79 11.01
C LYS B 162 20.55 12.49 11.37
N GLU B 163 20.08 12.36 12.61
CA GLU B 163 19.49 11.10 13.02
C GLU B 163 18.11 10.87 12.39
N VAL B 164 17.47 11.97 11.99
CA VAL B 164 16.16 11.88 11.37
C VAL B 164 16.29 11.51 9.91
N SER B 165 17.14 12.21 9.16
CA SER B 165 17.32 11.87 7.73
C SER B 165 17.88 10.46 7.50
N ALA B 166 18.64 9.96 8.47
CA ALA B 166 19.13 8.59 8.45
C ALA B 166 18.04 7.54 8.50
N LYS B 167 16.82 7.96 8.88
CA LYS B 167 15.67 7.07 8.91
C LYS B 167 14.92 6.97 7.59
N PHE B 168 15.27 7.78 6.62
CA PHE B 168 14.54 7.76 5.37
C PHE B 168 14.59 6.39 4.70
N LYS B 169 15.79 5.81 4.66
CA LYS B 169 15.96 4.55 3.95
CA LYS B 169 15.99 4.52 4.00
C LYS B 169 14.99 3.48 4.50
N ALA B 170 14.94 3.32 5.82
CA ALA B 170 14.04 2.32 6.41
C ALA B 170 12.56 2.58 6.14
N ALA B 171 12.18 3.87 6.14
CA ALA B 171 10.77 4.25 5.86
C ALA B 171 10.43 3.91 4.40
N VAL B 172 11.37 4.23 3.50
CA VAL B 172 11.15 3.93 2.09
C VAL B 172 11.08 2.43 1.83
N ASP B 173 12.01 1.69 2.43
CA ASP B 173 12.12 0.26 2.17
C ASP B 173 10.93 -0.51 2.76
N SER B 174 10.33 -0.02 3.86
CA SER B 174 9.19 -0.69 4.51
C SER B 174 7.84 -0.06 4.06
N ASP B 175 7.90 0.99 3.22
CA ASP B 175 6.74 1.81 2.82
C ASP B 175 5.93 2.17 4.04
N LYS B 176 6.63 2.75 5.01
CA LYS B 176 6.04 3.11 6.28
C LYS B 176 4.76 3.94 6.14
N TYR B 177 4.76 4.86 5.19
CA TYR B 177 3.68 5.80 5.01
C TYR B 177 2.85 5.45 3.79
N GLY B 178 2.85 4.18 3.40
CA GLY B 178 2.02 3.73 2.31
C GLY B 178 0.53 4.10 2.48
N LYS B 179 0.02 4.07 3.71
CA LYS B 179 -1.37 4.44 3.95
C LYS B 179 -1.63 5.92 3.65
N TRP B 180 -0.61 6.75 3.86
CA TRP B 180 -0.72 8.17 3.61
C TRP B 180 -0.82 8.43 2.14
N VAL B 181 0.01 7.72 1.39
CA VAL B 181 -0.03 7.79 -0.06
C VAL B 181 -1.45 7.41 -0.56
N LYS B 182 -1.96 6.28 -0.08
CA LYS B 182 -3.32 5.82 -0.48
C LYS B 182 -4.39 6.84 -0.14
N LEU B 183 -4.27 7.43 1.05
CA LEU B 183 -5.24 8.42 1.50
C LEU B 183 -5.21 9.70 0.66
N GLY B 184 -4.04 10.12 0.23
CA GLY B 184 -3.89 11.28 -0.65
C GLY B 184 -4.58 11.08 -1.97
N ASP B 185 -4.37 9.90 -2.57
CA ASP B 185 -5.09 9.55 -3.79
C ASP B 185 -6.61 9.49 -3.61
N GLU B 186 -7.04 8.86 -2.52
CA GLU B 186 -8.44 8.77 -2.18
C GLU B 186 -9.08 10.15 -2.04
N ALA B 187 -8.39 11.06 -1.35
CA ALA B 187 -8.87 12.42 -1.12
C ALA B 187 -8.93 13.26 -2.41
N PHE B 188 -7.95 13.08 -3.28
CA PHE B 188 -7.89 13.79 -4.57
C PHE B 188 -9.08 13.34 -5.43
N LYS B 189 -9.28 12.03 -5.55
CA LYS B 189 -10.40 11.57 -6.37
CA LYS B 189 -10.39 11.51 -6.35
C LYS B 189 -11.77 11.87 -5.72
N ALA B 190 -11.83 11.95 -4.41
CA ALA B 190 -13.07 12.35 -3.72
C ALA B 190 -13.49 13.77 -4.08
N ARG B 191 -12.51 14.64 -4.31
CA ARG B 191 -12.77 16.02 -4.70
C ARG B 191 -13.05 16.17 -6.20
N GLU B 192 -13.00 15.05 -6.94
CA GLU B 192 -13.27 15.03 -8.38
C GLU B 192 -12.31 15.90 -9.19
N LEU B 193 -11.07 15.94 -8.72
CA LEU B 193 -10.08 16.74 -9.38
C LEU B 193 -9.53 16.00 -10.60
N GLU B 194 -9.06 16.77 -11.57
CA GLU B 194 -8.65 16.22 -12.87
C GLU B 194 -7.14 16.25 -13.08
N GLY B 195 -6.43 17.12 -12.37
CA GLY B 195 -5.04 17.34 -12.66
C GLY B 195 -4.30 17.94 -11.52
N THR B 196 -2.97 17.96 -11.64
CA THR B 196 -2.10 18.66 -10.73
C THR B 196 -1.18 19.65 -11.45
N PRO B 197 -0.84 20.78 -10.82
CA PRO B 197 -1.41 21.21 -9.56
C PRO B 197 -2.86 21.67 -9.74
N THR B 198 -3.64 21.53 -8.68
CA THR B 198 -4.88 22.28 -8.55
C THR B 198 -4.79 23.15 -7.32
N VAL B 199 -5.18 24.42 -7.47
CA VAL B 199 -5.03 25.38 -6.39
C VAL B 199 -6.37 26.04 -6.09
N PHE B 200 -6.70 26.12 -4.81
CA PHE B 200 -7.87 26.85 -4.33
C PHE B 200 -7.46 27.96 -3.38
N PHE B 201 -8.18 29.07 -3.44
CA PHE B 201 -8.01 30.14 -2.48
C PHE B 201 -9.37 30.53 -1.99
N LYS B 202 -9.55 30.48 -0.67
CA LYS B 202 -10.88 30.69 -0.05
C LYS B 202 -11.95 29.77 -0.65
N GLY B 203 -11.55 28.56 -0.94
CA GLY B 203 -12.48 27.57 -1.47
C GLY B 203 -12.83 27.69 -2.95
N GLU B 204 -12.23 28.66 -3.63
CA GLU B 204 -12.50 28.90 -5.05
CA GLU B 204 -12.51 28.88 -5.05
C GLU B 204 -11.30 28.53 -5.89
N LYS B 205 -11.56 27.79 -6.96
CA LYS B 205 -10.47 27.37 -7.84
C LYS B 205 -9.72 28.57 -8.45
N VAL B 206 -8.40 28.51 -8.42
CA VAL B 206 -7.57 29.56 -8.98
C VAL B 206 -7.20 29.16 -10.41
N ASP B 207 -7.39 30.09 -11.31
CA ASP B 207 -7.02 29.93 -12.72
C ASP B 207 -5.49 29.98 -12.81
N LEU B 208 -4.88 28.84 -13.09
CA LEU B 208 -3.44 28.75 -13.05
C LEU B 208 -2.76 29.54 -14.14
N ASN B 209 -3.49 29.88 -15.19
CA ASN B 209 -2.96 30.84 -16.17
C ASN B 209 -2.56 32.21 -15.65
N LYS B 210 -3.27 32.62 -14.60
CA LYS B 210 -3.09 33.95 -14.10
C LYS B 210 -2.14 33.97 -12.92
N LEU B 211 -1.67 32.80 -12.50
CA LEU B 211 -0.49 32.67 -11.63
C LEU B 211 0.68 32.27 -12.48
N GLN B 212 1.42 33.25 -12.95
CA GLN B 212 2.50 33.05 -13.85
CA GLN B 212 2.57 32.92 -13.71
C GLN B 212 3.73 33.82 -13.45
N THR B 213 3.66 34.61 -12.36
CA THR B 213 4.82 35.39 -11.92
C THR B 213 5.14 35.08 -10.47
N PRO B 214 6.33 35.50 -9.99
CA PRO B 214 6.64 35.21 -8.60
C PRO B 214 5.82 35.95 -7.58
N THR B 215 5.00 36.91 -8.02
CA THR B 215 4.20 37.71 -7.10
C THR B 215 2.70 37.55 -7.37
N SER B 216 2.31 36.59 -8.21
CA SER B 216 0.92 36.52 -8.64
CA SER B 216 0.91 36.49 -8.63
C SER B 216 -0.02 36.03 -7.54
N LEU B 217 0.45 35.15 -6.67
CA LEU B 217 -0.36 34.77 -5.51
C LEU B 217 -0.59 35.95 -4.59
N THR B 218 0.44 36.77 -4.40
CA THR B 218 0.32 37.92 -3.55
C THR B 218 -0.73 38.90 -4.11
N GLU B 219 -0.77 39.05 -5.43
CA GLU B 219 -1.73 39.95 -6.08
C GLU B 219 -3.12 39.40 -5.86
N LEU B 220 -3.25 38.09 -5.96
CA LEU B 220 -4.53 37.43 -5.73
C LEU B 220 -5.03 37.64 -4.30
N VAL B 221 -4.15 37.42 -3.35
CA VAL B 221 -4.53 37.39 -1.94
C VAL B 221 -4.77 38.78 -1.40
N THR B 222 -3.89 39.70 -1.78
CA THR B 222 -3.90 41.04 -1.19
C THR B 222 -4.57 42.10 -2.07
N GLY B 223 -4.72 41.80 -3.35
CA GLY B 223 -5.14 42.80 -4.32
C GLY B 223 -4.07 43.66 -4.98
N SER B 224 -2.80 43.52 -4.59
CA SER B 224 -1.69 44.32 -5.21
C SER B 224 -0.32 43.64 -5.15
N THR B 225 0.63 44.19 -5.90
CA THR B 225 1.97 43.62 -5.96
C THR B 225 2.80 44.23 -4.84
N PRO B 226 3.67 43.43 -4.21
CA PRO B 226 4.56 44.03 -3.20
C PRO B 226 5.65 44.90 -3.87
N THR B 227 5.88 46.10 -3.38
CA THR B 227 7.03 46.87 -3.83
C THR B 227 8.21 46.49 -2.92
N ALA B 228 9.36 47.09 -3.17
CA ALA B 228 10.55 46.86 -2.34
C ALA B 228 10.43 47.50 -0.94
OAA 3CX C . 10.89 -28.89 2.34
OAB 3CX C . 9.26 -28.29 0.49
OAC 3CX C . 7.63 -25.69 1.25
OAD 3CX C . 11.14 -26.96 0.76
CAE 3CX C . 5.13 -20.94 5.07
CAF 3CX C . 6.17 -20.23 4.23
CAG 3CX C . 5.55 -22.26 5.68
CAH 3CX C . 6.83 -21.22 3.28
CAI 3CX C . 6.24 -23.26 4.76
CAJ 3CX C . 8.39 -24.52 3.13
CAK 3CX C . 9.45 -26.69 2.55
NAL 3CX C . 7.60 -23.38 2.61
CAM 3CX C . 8.80 -25.42 1.98
CAN 3CX C . 6.53 -22.70 3.41
SAO 3CX C . 10.15 -27.74 1.46
OAA 3CX D . 0.49 28.62 14.84
OAB 3CX D . -1.03 26.75 14.90
OAC 3CX D . 0.46 25.65 11.42
OAD 3CX D . -0.76 28.10 12.70
CAE 3CX D . 4.27 20.41 10.04
CAF 3CX D . 3.00 19.83 10.64
CAG 3CX D . 4.72 21.69 10.77
CAH 3CX D . 1.93 20.88 10.93
CAI 3CX D . 3.72 22.63 11.40
CAJ 3CX D . 1.60 24.05 12.75
CAK 3CX D . 1.14 26.41 13.66
NAL 3CX D . 1.26 23.17 11.60
CAM 3CX D . 0.63 25.24 12.78
CAN 3CX D . 2.32 22.34 10.93
SAO 3CX D . -0.09 27.51 14.07
#